data_1JE6
#
_entry.id   1JE6
#
_cell.length_a   81.700
_cell.length_b   81.700
_cell.length_c   86.600
_cell.angle_alpha   90.00
_cell.angle_beta   90.00
_cell.angle_gamma   90.00
#
_symmetry.space_group_name_H-M   'P 4 21 2'
#
loop_
_entity.id
_entity.type
_entity.pdbx_description
1 polymer 'MHC class I chain-related protein'
2 non-polymer 'SULFATE ION'
#
_entity_poly.entity_id   1
_entity_poly.type   'polypeptide(L)'
_entity_poly.pdbx_seq_one_letter_code
;MEPHSLRYNLMVLSQDGSVQSGFLAEGHLDGQPFLRYDRQKRRAKPQGQWAEDVLGAETWDTETEDLTENGQDLRRTLTH
IKDQKGGLHSLQEIRVCEIHEDSSTRGSRHFYYNGELFLSQNLETQESTVPQSSRAQTLAMNVTNFWKEDAMKTKTHYRA
MQADCLQKLQRYLKSGVAIRRTVPPMVNVTCSEVSEGNITVTCRASSFYPRNITLTWRQDGVSLSHNTQQWGDVLPDGNG
TYQTWVATRIRQGEEQRFTCYMEHSGNHGTHPVPS
;
_entity_poly.pdbx_strand_id   A
#
loop_
_chem_comp.id
_chem_comp.type
_chem_comp.name
_chem_comp.formula
SO4 non-polymer 'SULFATE ION' 'O4 S -2'
#
# COMPACT_ATOMS: atom_id res chain seq x y z
N MET A 1 -8.69 -2.87 8.03
CA MET A 1 -7.48 -3.12 8.88
C MET A 1 -6.27 -2.44 8.24
N GLU A 2 -6.11 -2.68 6.95
CA GLU A 2 -5.06 -2.12 6.11
C GLU A 2 -5.79 -2.08 4.75
N PRO A 3 -5.78 -0.91 4.11
CA PRO A 3 -6.47 -0.77 2.82
C PRO A 3 -5.72 -1.20 1.57
N HIS A 4 -6.39 -1.02 0.43
CA HIS A 4 -5.75 -1.34 -0.82
C HIS A 4 -5.04 -0.07 -1.21
N SER A 5 -3.89 -0.22 -1.86
CA SER A 5 -3.16 0.95 -2.28
C SER A 5 -2.49 0.74 -3.62
N LEU A 6 -2.32 1.86 -4.32
CA LEU A 6 -1.66 1.90 -5.61
C LEU A 6 -0.61 2.99 -5.46
N ARG A 7 0.66 2.60 -5.50
CA ARG A 7 1.78 3.53 -5.36
C ARG A 7 2.65 3.60 -6.62
N TYR A 8 3.11 4.80 -6.95
CA TYR A 8 3.98 5.03 -8.09
C TYR A 8 5.20 5.79 -7.60
N ASN A 9 6.38 5.39 -8.08
CA ASN A 9 7.62 6.06 -7.73
C ASN A 9 8.17 6.59 -9.05
N LEU A 10 8.19 7.92 -9.20
CA LEU A 10 8.68 8.54 -10.42
C LEU A 10 9.97 9.29 -10.13
N MET A 11 10.90 9.28 -11.06
CA MET A 11 12.14 9.98 -10.83
C MET A 11 12.71 10.51 -12.12
N VAL A 12 13.25 11.72 -12.03
CA VAL A 12 13.91 12.35 -13.16
C VAL A 12 15.27 12.79 -12.64
N LEU A 13 16.24 12.92 -13.52
CA LEU A 13 17.56 13.35 -13.08
C LEU A 13 18.35 14.05 -14.16
N SER A 14 19.54 14.50 -13.78
CA SER A 14 20.47 15.13 -14.68
C SER A 14 21.82 14.71 -14.08
N GLN A 15 22.75 14.27 -14.92
CA GLN A 15 24.03 13.81 -14.39
C GLN A 15 25.17 14.78 -14.63
N ASP A 16 25.01 15.68 -15.59
CA ASP A 16 26.09 16.63 -15.86
C ASP A 16 25.67 18.08 -15.96
N GLY A 17 24.40 18.35 -15.73
CA GLY A 17 23.90 19.71 -15.85
C GLY A 17 22.88 19.70 -16.97
N SER A 18 22.54 18.49 -17.41
CA SER A 18 21.57 18.28 -18.47
C SER A 18 20.61 17.20 -18.01
N VAL A 19 19.34 17.53 -17.97
CA VAL A 19 18.34 16.56 -17.54
C VAL A 19 18.27 15.46 -18.59
N GLN A 20 18.51 14.23 -18.16
CA GLN A 20 18.47 13.05 -19.00
C GLN A 20 17.05 12.90 -19.56
N SER A 21 16.90 12.29 -20.74
CA SER A 21 15.58 12.11 -21.33
C SER A 21 14.79 11.02 -20.61
N GLY A 22 13.47 11.07 -20.75
CA GLY A 22 12.63 10.06 -20.13
C GLY A 22 12.50 10.19 -18.62
N PHE A 23 12.46 9.05 -17.92
CA PHE A 23 12.32 9.04 -16.47
C PHE A 23 12.35 7.60 -15.98
N LEU A 24 12.17 7.41 -14.68
CA LEU A 24 12.16 6.08 -14.10
C LEU A 24 10.88 5.99 -13.30
N ALA A 25 10.30 4.80 -13.22
CA ALA A 25 9.05 4.67 -12.48
C ALA A 25 8.70 3.24 -12.12
N GLU A 26 8.08 3.08 -10.96
CA GLU A 26 7.65 1.80 -10.42
C GLU A 26 6.21 1.89 -9.91
N GLY A 27 5.42 0.86 -10.15
CA GLY A 27 4.05 0.84 -9.69
C GLY A 27 3.85 -0.38 -8.78
N HIS A 28 3.37 -0.17 -7.56
CA HIS A 28 3.13 -1.27 -6.64
C HIS A 28 1.67 -1.29 -6.28
N LEU A 29 1.08 -2.49 -6.22
CA LEU A 29 -0.32 -2.65 -5.88
C LEU A 29 -0.34 -3.41 -4.56
N ASP A 30 -1.08 -2.90 -3.59
CA ASP A 30 -1.11 -3.55 -2.29
C ASP A 30 0.28 -4.02 -1.85
N GLY A 31 1.28 -3.16 -1.96
CA GLY A 31 2.64 -3.50 -1.54
C GLY A 31 3.50 -4.28 -2.52
N GLN A 32 2.90 -4.82 -3.56
CA GLN A 32 3.61 -5.62 -4.56
C GLN A 32 3.88 -4.92 -5.90
N PRO A 33 5.06 -5.14 -6.48
CA PRO A 33 5.40 -4.52 -7.76
C PRO A 33 4.58 -5.12 -8.91
N PHE A 34 4.19 -4.30 -9.87
CA PHE A 34 3.44 -4.82 -11.02
C PHE A 34 3.81 -4.05 -12.29
N LEU A 35 4.40 -2.87 -12.13
CA LEU A 35 4.79 -2.04 -13.25
C LEU A 35 6.23 -1.57 -13.11
N ARG A 36 6.85 -1.32 -14.25
CA ARG A 36 8.22 -0.86 -14.31
C ARG A 36 8.39 -0.19 -15.66
N TYR A 37 8.76 1.08 -15.66
CA TYR A 37 8.93 1.82 -16.91
C TYR A 37 10.25 1.53 -17.60
N ASP A 38 10.20 1.28 -18.91
CA ASP A 38 11.40 1.01 -19.72
C ASP A 38 11.78 2.30 -20.44
N ARG A 39 12.75 2.99 -19.84
CA ARG A 39 13.24 4.27 -20.33
C ARG A 39 13.68 4.23 -21.78
N GLN A 40 14.23 3.10 -22.21
CA GLN A 40 14.70 2.96 -23.57
C GLN A 40 13.61 2.61 -24.56
N LYS A 41 12.90 1.51 -24.30
CA LYS A 41 11.82 1.07 -25.19
C LYS A 41 10.60 1.98 -24.98
N ARG A 42 10.74 2.95 -24.07
CA ARG A 42 9.69 3.93 -23.73
C ARG A 42 8.33 3.27 -23.49
N ARG A 43 8.31 2.23 -22.69
CA ARG A 43 7.06 1.55 -22.42
C ARG A 43 6.93 1.19 -20.98
N ALA A 44 5.71 1.13 -20.49
CA ALA A 44 5.48 0.71 -19.11
C ALA A 44 5.35 -0.81 -19.22
N LYS A 45 6.20 -1.56 -18.55
CA LYS A 45 6.15 -3.02 -18.63
C LYS A 45 5.85 -3.68 -17.29
N PRO A 46 5.34 -4.91 -17.32
CA PRO A 46 5.02 -5.59 -16.07
C PRO A 46 6.26 -6.13 -15.38
N GLN A 47 6.19 -6.29 -14.06
CA GLN A 47 7.31 -6.83 -13.33
C GLN A 47 6.98 -8.30 -12.98
N GLY A 48 6.84 -9.11 -14.02
CA GLY A 48 6.53 -10.53 -13.85
C GLY A 48 5.48 -11.04 -14.83
N GLN A 49 5.47 -12.33 -15.09
CA GLN A 49 4.47 -12.92 -16.00
C GLN A 49 3.11 -12.81 -15.32
N TRP A 50 3.17 -12.75 -14.00
CA TRP A 50 2.03 -12.60 -13.12
C TRP A 50 1.27 -11.40 -13.69
N ALA A 51 1.90 -10.24 -13.62
CA ALA A 51 1.29 -9.02 -14.14
C ALA A 51 1.23 -9.07 -15.65
N GLU A 52 2.16 -9.81 -16.25
CA GLU A 52 2.20 -9.93 -17.70
C GLU A 52 1.01 -10.72 -18.23
N ASP A 53 0.75 -11.86 -17.61
CA ASP A 53 -0.36 -12.71 -18.03
C ASP A 53 -1.78 -12.28 -17.68
N VAL A 54 -1.91 -11.24 -16.84
CA VAL A 54 -3.24 -10.75 -16.46
C VAL A 54 -3.57 -9.39 -17.09
N LEU A 55 -2.57 -8.52 -17.21
CA LEU A 55 -2.81 -7.21 -17.78
C LEU A 55 -2.55 -7.15 -19.29
N GLY A 56 -3.50 -6.55 -20.01
CA GLY A 56 -3.37 -6.45 -21.45
C GLY A 56 -2.77 -5.15 -21.91
N ALA A 57 -2.36 -5.11 -23.17
CA ALA A 57 -1.76 -3.91 -23.75
C ALA A 57 -2.57 -2.66 -23.47
N GLU A 58 -3.89 -2.80 -23.38
CA GLU A 58 -4.75 -1.65 -23.13
C GLU A 58 -4.27 -0.97 -21.86
N THR A 59 -3.94 -1.78 -20.86
CA THR A 59 -3.46 -1.25 -19.58
C THR A 59 -2.07 -0.63 -19.72
N TRP A 60 -1.15 -1.33 -20.39
CA TRP A 60 0.20 -0.83 -20.56
C TRP A 60 0.25 0.41 -21.44
N ASP A 61 -0.72 0.55 -22.35
CA ASP A 61 -0.78 1.74 -23.22
C ASP A 61 -1.17 2.92 -22.36
N THR A 62 -2.19 2.71 -21.54
CA THR A 62 -2.69 3.74 -20.67
C THR A 62 -1.62 4.17 -19.66
N GLU A 63 -1.04 3.22 -18.95
CA GLU A 63 -0.02 3.55 -17.96
C GLU A 63 1.19 4.23 -18.61
N THR A 64 1.49 3.84 -19.86
CA THR A 64 2.61 4.44 -20.56
C THR A 64 2.29 5.89 -20.93
N GLU A 65 1.05 6.14 -21.34
CA GLU A 65 0.67 7.50 -21.68
C GLU A 65 0.70 8.38 -20.42
N ASP A 66 0.02 7.90 -19.40
CA ASP A 66 -0.06 8.61 -18.14
C ASP A 66 1.30 8.92 -17.53
N LEU A 67 2.11 7.90 -17.34
CA LEU A 67 3.43 8.08 -16.74
C LEU A 67 4.31 8.99 -17.56
N THR A 68 4.21 8.91 -18.89
CA THR A 68 5.03 9.75 -19.74
C THR A 68 4.69 11.21 -19.52
N GLU A 69 3.39 11.49 -19.39
CA GLU A 69 2.94 12.84 -19.11
C GLU A 69 3.60 13.25 -17.81
N ASN A 70 3.51 12.36 -16.83
CA ASN A 70 4.12 12.56 -15.51
C ASN A 70 5.61 12.94 -15.61
N GLY A 71 6.33 12.23 -16.49
CA GLY A 71 7.75 12.44 -16.71
C GLY A 71 8.07 13.81 -17.27
N GLN A 72 7.23 14.32 -18.17
CA GLN A 72 7.45 15.64 -18.75
C GLN A 72 7.37 16.70 -17.65
N ASP A 73 6.30 16.65 -16.87
CA ASP A 73 6.14 17.60 -15.79
C ASP A 73 7.29 17.52 -14.81
N LEU A 74 7.67 16.30 -14.40
CA LEU A 74 8.78 16.19 -13.47
C LEU A 74 10.08 16.74 -14.04
N ARG A 75 10.39 16.39 -15.28
CA ARG A 75 11.63 16.86 -15.88
C ARG A 75 11.66 18.37 -15.97
N ARG A 76 10.47 18.94 -16.17
CA ARG A 76 10.30 20.39 -16.27
C ARG A 76 10.45 21.06 -14.91
N THR A 77 9.96 20.43 -13.85
CA THR A 77 10.12 21.02 -12.52
C THR A 77 11.61 21.02 -12.16
N LEU A 78 12.32 19.94 -12.50
CA LEU A 78 13.74 19.81 -12.19
C LEU A 78 14.58 20.88 -12.89
N THR A 79 14.33 21.09 -14.18
CA THR A 79 15.05 22.11 -14.94
C THR A 79 14.98 23.41 -14.16
N HIS A 80 13.77 23.69 -13.66
CA HIS A 80 13.51 24.88 -12.88
C HIS A 80 14.18 24.87 -11.52
N ILE A 81 14.13 23.75 -10.82
CA ILE A 81 14.77 23.68 -9.52
C ILE A 81 16.22 24.06 -9.58
N LYS A 82 16.95 23.60 -10.59
CA LYS A 82 18.31 24.13 -10.69
C LYS A 82 18.06 25.42 -11.55
N ASP A 83 19.04 26.32 -11.68
CA ASP A 83 18.87 27.56 -12.45
C ASP A 83 19.76 27.36 -13.69
N GLN A 84 20.84 26.60 -13.45
CA GLN A 84 21.79 26.05 -14.41
C GLN A 84 22.36 24.97 -13.49
N LYS A 85 23.02 25.45 -12.43
CA LYS A 85 23.63 24.58 -11.46
C LYS A 85 24.34 23.43 -12.23
N GLY A 86 24.91 22.48 -11.51
CA GLY A 86 25.59 21.37 -12.19
C GLY A 86 25.72 20.11 -11.35
N GLY A 87 26.42 19.10 -11.85
CA GLY A 87 26.59 17.88 -11.08
C GLY A 87 25.28 17.12 -10.95
N LEU A 88 25.16 16.25 -9.96
CA LEU A 88 23.94 15.47 -9.74
C LEU A 88 22.76 16.32 -9.26
N HIS A 89 21.58 15.91 -9.69
CA HIS A 89 20.32 16.53 -9.35
C HIS A 89 19.27 15.43 -9.51
N SER A 90 18.40 15.31 -8.53
CA SER A 90 17.38 14.28 -8.56
C SER A 90 16.04 14.81 -8.06
N LEU A 91 14.96 14.35 -8.68
CA LEU A 91 13.60 14.75 -8.29
C LEU A 91 12.68 13.54 -8.37
N GLN A 92 12.13 13.14 -7.23
CA GLN A 92 11.24 12.00 -7.22
C GLN A 92 9.86 12.37 -6.71
N GLU A 93 8.85 11.68 -7.21
CA GLU A 93 7.48 11.89 -6.78
C GLU A 93 6.86 10.56 -6.42
N ILE A 94 6.49 10.40 -5.15
CA ILE A 94 5.81 9.18 -4.74
C ILE A 94 4.36 9.58 -4.61
N ARG A 95 3.48 8.96 -5.40
CA ARG A 95 2.05 9.23 -5.39
C ARG A 95 1.27 7.98 -4.94
N VAL A 96 0.38 8.13 -3.95
CA VAL A 96 -0.35 6.99 -3.46
C VAL A 96 -1.86 7.09 -3.41
N CYS A 97 -2.50 5.95 -3.63
CA CYS A 97 -3.94 5.78 -3.67
C CYS A 97 -4.34 4.87 -2.53
N GLU A 98 -5.48 5.10 -1.91
CA GLU A 98 -5.92 4.25 -0.81
C GLU A 98 -7.44 4.07 -0.67
N ILE A 99 -7.86 2.81 -0.57
CA ILE A 99 -9.26 2.42 -0.38
C ILE A 99 -9.30 1.58 0.90
N HIS A 100 -10.02 2.06 1.90
CA HIS A 100 -10.03 1.44 3.23
C HIS A 100 -10.90 0.27 3.71
N GLU A 101 -12.21 0.33 3.53
CA GLU A 101 -13.12 -0.74 3.99
C GLU A 101 -14.48 -0.11 4.17
N ASP A 102 -14.43 1.13 4.64
CA ASP A 102 -15.61 1.93 4.86
C ASP A 102 -15.83 2.60 3.51
N SER A 103 -14.92 2.29 2.57
CA SER A 103 -14.93 2.81 1.22
C SER A 103 -14.42 4.24 1.15
N SER A 104 -13.87 4.73 2.28
CA SER A 104 -13.33 6.08 2.31
C SER A 104 -11.98 5.96 1.63
N THR A 105 -11.59 7.01 0.91
CA THR A 105 -10.34 7.00 0.18
C THR A 105 -9.29 7.95 0.75
N ARG A 106 -8.06 7.79 0.30
CA ARG A 106 -6.95 8.64 0.72
C ARG A 106 -6.09 8.83 -0.51
N GLY A 107 -5.22 9.82 -0.48
CA GLY A 107 -4.37 10.06 -1.63
C GLY A 107 -3.34 11.10 -1.29
N SER A 108 -2.10 10.81 -1.62
CA SER A 108 -1.03 11.74 -1.34
C SER A 108 -0.05 11.81 -2.49
N ARG A 109 0.79 12.82 -2.44
CA ARG A 109 1.78 13.06 -3.45
C ARG A 109 2.98 13.63 -2.68
N HIS A 110 4.12 12.96 -2.77
CA HIS A 110 5.32 13.41 -2.06
C HIS A 110 6.48 13.71 -3.00
N PHE A 111 7.14 14.85 -2.78
CA PHE A 111 8.25 15.23 -3.65
C PHE A 111 9.59 15.37 -2.93
N TYR A 112 10.59 14.68 -3.46
CA TYR A 112 11.93 14.70 -2.91
C TYR A 112 12.90 15.30 -3.92
N TYR A 113 13.75 16.20 -3.45
CA TYR A 113 14.74 16.82 -4.33
C TYR A 113 16.10 16.40 -3.82
N ASN A 114 16.91 15.82 -4.70
CA ASN A 114 18.22 15.33 -4.30
C ASN A 114 18.17 14.48 -3.03
N GLY A 115 17.17 13.60 -2.95
CA GLY A 115 17.06 12.72 -1.80
C GLY A 115 16.37 13.20 -0.54
N GLU A 116 15.83 14.41 -0.59
CA GLU A 116 15.16 14.98 0.57
C GLU A 116 13.76 15.54 0.27
N LEU A 117 12.81 15.24 1.15
CA LEU A 117 11.44 15.72 0.99
C LEU A 117 11.40 17.23 1.12
N PHE A 118 10.45 17.86 0.46
CA PHE A 118 10.28 19.31 0.55
C PHE A 118 8.83 19.72 0.30
N LEU A 119 8.00 18.74 -0.06
CA LEU A 119 6.59 19.00 -0.36
C LEU A 119 5.70 17.76 -0.34
N SER A 120 4.53 17.89 0.28
CA SER A 120 3.56 16.81 0.34
C SER A 120 2.17 17.35 0.09
N GLN A 121 1.44 16.69 -0.79
CA GLN A 121 0.10 17.12 -1.12
C GLN A 121 -0.94 16.06 -0.73
N ASN A 122 -2.00 16.51 -0.06
CA ASN A 122 -3.08 15.58 0.28
C ASN A 122 -4.04 15.81 -0.89
N LEU A 123 -4.12 14.85 -1.81
CA LEU A 123 -4.98 14.98 -2.99
C LEU A 123 -6.48 14.93 -2.69
N GLU A 124 -6.85 14.60 -1.45
CA GLU A 124 -8.26 14.51 -1.11
C GLU A 124 -8.79 15.84 -0.57
N THR A 125 -7.88 16.68 -0.09
CA THR A 125 -8.25 17.99 0.47
C THR A 125 -7.50 19.12 -0.23
N GLN A 126 -6.45 18.75 -0.95
CA GLN A 126 -5.62 19.69 -1.71
C GLN A 126 -4.74 20.62 -0.85
N GLU A 127 -4.51 20.23 0.40
CA GLU A 127 -3.66 21.01 1.29
C GLU A 127 -2.25 20.48 1.14
N SER A 128 -1.26 21.36 1.17
CA SER A 128 0.11 20.92 1.05
C SER A 128 0.81 21.04 2.41
N THR A 129 1.86 20.24 2.58
CA THR A 129 2.65 20.24 3.79
C THR A 129 4.14 20.29 3.45
N VAL A 130 4.77 21.39 3.86
CA VAL A 130 6.18 21.64 3.64
C VAL A 130 6.96 21.44 4.93
N PRO A 131 8.02 20.61 4.90
CA PRO A 131 8.79 20.40 6.13
C PRO A 131 9.38 21.73 6.67
N GLN A 132 9.30 21.94 7.98
CA GLN A 132 9.79 23.16 8.62
C GLN A 132 11.32 23.30 8.57
N SER A 133 11.83 23.31 7.34
CA SER A 133 13.26 23.43 7.09
C SER A 133 13.39 24.62 6.16
N SER A 134 14.52 25.32 6.25
CA SER A 134 14.75 26.49 5.42
C SER A 134 14.94 26.12 3.96
N ARG A 135 15.87 25.23 3.69
CA ARG A 135 16.16 24.82 2.34
C ARG A 135 14.92 24.21 1.70
N ALA A 136 14.17 23.44 2.48
CA ALA A 136 12.95 22.79 1.98
C ALA A 136 11.81 23.75 1.74
N GLN A 137 11.83 24.89 2.40
CA GLN A 137 10.79 25.88 2.19
C GLN A 137 11.09 26.71 0.94
N THR A 138 12.37 27.00 0.75
CA THR A 138 12.77 27.75 -0.43
C THR A 138 12.26 26.93 -1.63
N LEU A 139 12.68 25.67 -1.65
CA LEU A 139 12.28 24.75 -2.71
C LEU A 139 10.77 24.73 -2.97
N ALA A 140 10.01 24.47 -1.90
CA ALA A 140 8.56 24.39 -1.99
C ALA A 140 7.95 25.66 -2.57
N MET A 141 8.44 26.81 -2.11
CA MET A 141 7.93 28.08 -2.56
C MET A 141 8.18 28.31 -4.04
N ASN A 142 9.38 27.97 -4.48
CA ASN A 142 9.73 28.11 -5.89
C ASN A 142 8.89 27.19 -6.73
N VAL A 143 9.01 25.90 -6.47
CA VAL A 143 8.29 24.87 -7.22
C VAL A 143 6.80 25.15 -7.33
N THR A 144 6.18 25.62 -6.24
CA THR A 144 4.75 25.91 -6.28
C THR A 144 4.43 27.19 -7.06
N ASN A 145 5.23 28.26 -6.90
CA ASN A 145 4.96 29.47 -7.68
C ASN A 145 5.03 29.09 -9.14
N PHE A 146 6.14 28.43 -9.49
CA PHE A 146 6.41 27.97 -10.84
C PHE A 146 5.27 27.13 -11.40
N TRP A 147 4.55 26.43 -10.54
CA TRP A 147 3.46 25.61 -11.01
C TRP A 147 2.21 26.41 -11.40
N LYS A 148 1.87 27.42 -10.62
CA LYS A 148 0.71 28.25 -10.90
C LYS A 148 0.84 29.15 -12.14
N GLU A 149 2.07 29.56 -12.48
CA GLU A 149 2.34 30.44 -13.63
C GLU A 149 3.12 29.73 -14.73
N ASP A 150 2.58 29.77 -15.95
CA ASP A 150 3.18 29.06 -17.07
C ASP A 150 2.85 27.61 -16.66
N ALA A 151 1.73 27.59 -15.93
CA ALA A 151 1.04 26.45 -15.34
C ALA A 151 1.05 25.00 -15.77
N MET A 152 2.08 24.24 -15.40
CA MET A 152 2.13 22.81 -15.67
C MET A 152 1.88 22.11 -14.33
N LYS A 153 0.83 22.61 -13.70
CA LYS A 153 0.32 22.09 -12.47
C LYS A 153 -1.13 22.20 -12.88
N THR A 154 -1.57 23.43 -13.15
CA THR A 154 -2.96 23.63 -13.53
C THR A 154 -3.83 23.32 -12.31
N LYS A 155 -5.04 23.85 -12.34
CA LYS A 155 -6.01 23.68 -11.27
C LYS A 155 -6.03 22.49 -10.33
N THR A 156 -7.24 22.02 -10.11
CA THR A 156 -7.52 20.87 -9.30
C THR A 156 -7.57 19.74 -10.31
N HIS A 157 -6.67 19.85 -11.29
CA HIS A 157 -6.52 18.82 -12.31
C HIS A 157 -5.81 17.76 -11.47
N TYR A 158 -5.61 18.15 -10.21
CA TYR A 158 -5.01 17.35 -9.16
C TYR A 158 -6.10 16.43 -8.62
N ARG A 159 -7.30 17.00 -8.44
CA ARG A 159 -8.44 16.23 -7.93
C ARG A 159 -8.76 15.14 -8.92
N ALA A 160 -8.31 15.33 -10.16
CA ALA A 160 -8.52 14.35 -11.22
C ALA A 160 -7.44 13.28 -11.10
N MET A 161 -6.29 13.70 -10.59
CA MET A 161 -5.14 12.83 -10.38
C MET A 161 -5.56 11.73 -9.41
N GLN A 162 -6.20 12.16 -8.33
CA GLN A 162 -6.70 11.30 -7.28
C GLN A 162 -7.73 10.33 -7.84
N ALA A 163 -8.66 10.84 -8.61
CA ALA A 163 -9.70 9.99 -9.20
C ALA A 163 -9.08 9.05 -10.23
N ASP A 164 -7.91 9.41 -10.72
CA ASP A 164 -7.25 8.60 -11.72
C ASP A 164 -6.62 7.32 -11.15
N CYS A 165 -5.75 7.40 -10.15
CA CYS A 165 -5.20 6.16 -9.63
C CYS A 165 -6.29 5.39 -8.90
N LEU A 166 -7.27 6.09 -8.34
CA LEU A 166 -8.38 5.42 -7.65
C LEU A 166 -9.10 4.53 -8.63
N GLN A 167 -9.36 5.06 -9.82
CA GLN A 167 -10.03 4.29 -10.85
C GLN A 167 -9.11 3.12 -11.24
N LYS A 168 -7.82 3.40 -11.33
CA LYS A 168 -6.88 2.34 -11.69
C LYS A 168 -6.83 1.31 -10.57
N LEU A 169 -6.78 1.79 -9.33
CA LEU A 169 -6.73 0.89 -8.19
C LEU A 169 -7.91 -0.08 -8.30
N GLN A 170 -9.10 0.47 -8.46
CA GLN A 170 -10.31 -0.36 -8.57
C GLN A 170 -10.23 -1.29 -9.75
N ARG A 171 -9.73 -0.79 -10.87
CA ARG A 171 -9.60 -1.60 -12.07
C ARG A 171 -8.61 -2.77 -11.87
N TYR A 172 -7.45 -2.49 -11.28
CA TYR A 172 -6.44 -3.52 -11.05
C TYR A 172 -6.87 -4.58 -10.05
N LEU A 173 -7.65 -4.18 -9.05
CA LEU A 173 -8.14 -5.12 -8.06
C LEU A 173 -9.15 -6.02 -8.77
N LYS A 174 -9.97 -5.42 -9.60
CA LYS A 174 -10.96 -6.17 -10.33
C LYS A 174 -10.29 -7.16 -11.28
N SER A 175 -9.20 -6.76 -11.92
CA SER A 175 -8.52 -7.66 -12.85
C SER A 175 -7.93 -8.86 -12.11
N GLY A 176 -7.88 -8.77 -10.79
CA GLY A 176 -7.40 -9.88 -9.99
C GLY A 176 -5.92 -9.93 -9.67
N VAL A 177 -5.13 -9.11 -10.35
CA VAL A 177 -3.68 -9.05 -10.16
C VAL A 177 -3.26 -9.13 -8.68
N ALA A 178 -4.16 -8.79 -7.78
CA ALA A 178 -3.82 -8.82 -6.37
C ALA A 178 -4.42 -9.98 -5.58
N ILE A 179 -5.53 -10.51 -6.07
CA ILE A 179 -6.22 -11.61 -5.40
C ILE A 179 -5.51 -12.95 -5.53
N ARG A 180 -4.69 -13.11 -6.56
CA ARG A 180 -3.99 -14.37 -6.78
C ARG A 180 -2.99 -14.69 -5.70
N ARG A 181 -2.65 -13.67 -4.92
CA ARG A 181 -1.68 -13.85 -3.86
C ARG A 181 -2.41 -14.19 -2.54
N THR A 182 -3.70 -14.45 -2.61
CA THR A 182 -4.48 -14.78 -1.41
C THR A 182 -4.19 -16.19 -0.92
N VAL A 183 -3.93 -16.30 0.38
CA VAL A 183 -3.65 -17.59 0.96
C VAL A 183 -4.49 -17.78 2.21
N PRO A 184 -5.52 -18.63 2.15
CA PRO A 184 -6.35 -18.85 3.33
C PRO A 184 -5.50 -19.35 4.47
N PRO A 185 -5.78 -18.88 5.68
CA PRO A 185 -5.02 -19.29 6.86
C PRO A 185 -5.18 -20.75 7.31
N MET A 186 -4.08 -21.33 7.78
CA MET A 186 -4.08 -22.68 8.33
C MET A 186 -4.54 -22.48 9.77
N VAL A 187 -5.63 -23.12 10.16
CA VAL A 187 -6.11 -22.96 11.52
C VAL A 187 -5.65 -24.15 12.33
N ASN A 188 -5.40 -23.91 13.61
CA ASN A 188 -4.95 -24.96 14.51
C ASN A 188 -5.23 -24.55 15.94
N VAL A 189 -6.04 -25.34 16.63
CA VAL A 189 -6.39 -25.04 18.02
C VAL A 189 -5.65 -25.98 18.97
N THR A 190 -5.05 -25.40 20.00
CA THR A 190 -4.29 -26.19 20.96
C THR A 190 -4.70 -25.97 22.43
N CYS A 191 -4.64 -27.05 23.20
CA CYS A 191 -4.97 -27.01 24.63
C CYS A 191 -3.66 -26.96 25.40
N SER A 192 -3.52 -26.00 26.31
CA SER A 192 -2.29 -25.89 27.06
C SER A 192 -2.52 -25.66 28.53
N GLU A 193 -1.46 -25.29 29.23
CA GLU A 193 -1.48 -25.05 30.67
C GLU A 193 -2.66 -25.71 31.39
N VAL A 194 -2.81 -27.02 31.16
CA VAL A 194 -3.86 -27.80 31.80
C VAL A 194 -3.46 -27.73 33.26
N SER A 195 -4.41 -27.35 34.13
CA SER A 195 -4.10 -27.16 35.54
C SER A 195 -5.33 -27.09 36.45
N GLU A 196 -5.13 -26.43 37.59
CA GLU A 196 -6.15 -26.25 38.64
C GLU A 196 -7.52 -25.76 38.14
N GLY A 197 -8.36 -26.68 37.70
CA GLY A 197 -9.68 -26.31 37.21
C GLY A 197 -9.65 -25.51 35.92
N ASN A 198 -8.45 -25.28 35.40
CA ASN A 198 -8.31 -24.52 34.17
C ASN A 198 -7.60 -25.31 33.08
N ILE A 199 -7.60 -24.72 31.89
CA ILE A 199 -6.94 -25.25 30.69
C ILE A 199 -7.02 -24.09 29.71
N THR A 200 -5.90 -23.78 29.07
CA THR A 200 -5.84 -22.69 28.11
C THR A 200 -6.08 -23.25 26.72
N VAL A 201 -6.80 -22.48 25.90
CA VAL A 201 -7.04 -22.88 24.51
C VAL A 201 -6.44 -21.79 23.65
N THR A 202 -5.76 -22.18 22.59
CA THR A 202 -5.12 -21.22 21.70
C THR A 202 -5.47 -21.49 20.24
N CYS A 203 -5.96 -20.45 19.59
CA CYS A 203 -6.36 -20.51 18.18
C CYS A 203 -5.23 -19.90 17.34
N ARG A 204 -4.55 -20.72 16.55
CA ARG A 204 -3.45 -20.24 15.73
C ARG A 204 -3.75 -20.27 14.26
N ALA A 205 -3.73 -19.10 13.64
CA ALA A 205 -3.97 -18.98 12.21
C ALA A 205 -2.57 -18.69 11.69
N SER A 206 -2.14 -19.44 10.69
CA SER A 206 -0.82 -19.23 10.16
C SER A 206 -0.77 -19.36 8.66
N SER A 207 0.34 -18.89 8.09
CA SER A 207 0.60 -18.94 6.65
C SER A 207 -0.53 -18.38 5.82
N PHE A 208 -0.87 -17.13 6.06
CA PHE A 208 -1.95 -16.49 5.33
C PHE A 208 -1.61 -15.10 4.83
N TYR A 209 -2.24 -14.74 3.72
CA TYR A 209 -2.09 -13.44 3.07
C TYR A 209 -3.49 -13.07 2.56
N PRO A 210 -3.86 -11.79 2.63
CA PRO A 210 -3.08 -10.69 3.21
C PRO A 210 -3.02 -10.68 4.72
N ARG A 211 -2.43 -9.62 5.23
CA ARG A 211 -2.23 -9.39 6.65
C ARG A 211 -3.50 -9.22 7.49
N ASN A 212 -4.53 -8.62 6.89
CA ASN A 212 -5.80 -8.38 7.60
C ASN A 212 -6.51 -9.65 8.00
N ILE A 213 -6.67 -9.84 9.31
CA ILE A 213 -7.34 -11.02 9.83
C ILE A 213 -8.04 -10.64 11.14
N THR A 214 -9.06 -11.40 11.49
CA THR A 214 -9.79 -11.15 12.75
C THR A 214 -9.89 -12.51 13.44
N LEU A 215 -9.59 -12.56 14.72
CA LEU A 215 -9.66 -13.80 15.48
C LEU A 215 -10.24 -13.57 16.86
N THR A 216 -11.20 -14.40 17.27
CA THR A 216 -11.77 -14.25 18.60
C THR A 216 -12.40 -15.53 19.13
N TRP A 217 -12.30 -15.75 20.43
CA TRP A 217 -12.93 -16.91 21.04
C TRP A 217 -14.39 -16.57 21.32
N ARG A 218 -15.21 -17.61 21.44
CA ARG A 218 -16.62 -17.44 21.69
C ARG A 218 -17.14 -18.44 22.70
N GLN A 219 -17.85 -17.96 23.71
CA GLN A 219 -18.43 -18.89 24.66
C GLN A 219 -19.85 -19.14 24.15
N ASP A 220 -20.07 -20.38 23.72
CA ASP A 220 -21.35 -20.80 23.20
C ASP A 220 -21.89 -19.96 22.09
N GLY A 221 -21.18 -18.90 21.73
CA GLY A 221 -21.63 -18.05 20.64
C GLY A 221 -21.25 -16.60 20.74
N VAL A 222 -21.03 -16.10 21.96
CA VAL A 222 -20.69 -14.69 22.16
C VAL A 222 -19.20 -14.40 22.20
N SER A 223 -18.79 -13.35 21.52
CA SER A 223 -17.39 -12.96 21.50
C SER A 223 -16.92 -12.63 22.92
N LEU A 224 -15.77 -13.14 23.31
CA LEU A 224 -15.27 -12.88 24.65
C LEU A 224 -14.82 -11.45 24.76
N SER A 225 -15.07 -10.83 25.92
CA SER A 225 -14.69 -9.44 26.14
C SER A 225 -13.23 -9.21 25.76
N HIS A 226 -13.02 -8.23 24.92
CA HIS A 226 -11.70 -7.88 24.45
C HIS A 226 -10.81 -7.52 25.64
N ASN A 227 -10.19 -8.54 26.22
CA ASN A 227 -9.25 -8.46 27.35
C ASN A 227 -9.05 -9.82 27.96
N THR A 228 -10.19 -10.53 27.99
CA THR A 228 -10.34 -11.86 28.63
C THR A 228 -9.60 -12.86 27.77
N GLN A 229 -9.04 -12.29 26.72
CA GLN A 229 -8.27 -13.05 25.74
C GLN A 229 -6.93 -12.37 25.55
N GLN A 230 -6.03 -13.04 24.85
CA GLN A 230 -4.73 -12.46 24.59
C GLN A 230 -4.38 -12.71 23.13
N TRP A 231 -4.15 -11.64 22.37
CA TRP A 231 -3.81 -11.76 20.97
C TRP A 231 -2.29 -11.61 20.82
N GLY A 232 -1.77 -12.05 19.68
CA GLY A 232 -0.36 -11.92 19.42
C GLY A 232 -0.23 -10.99 18.22
N ASP A 233 0.85 -10.22 18.15
CA ASP A 233 1.05 -9.33 17.01
C ASP A 233 0.78 -10.18 15.77
N VAL A 234 0.57 -9.53 14.63
CA VAL A 234 0.36 -10.27 13.41
C VAL A 234 1.75 -10.28 12.80
N LEU A 235 2.59 -11.13 13.37
CA LEU A 235 3.96 -11.28 12.94
C LEU A 235 4.12 -12.02 11.62
N PRO A 236 5.17 -11.68 10.86
CA PRO A 236 5.41 -12.34 9.58
C PRO A 236 5.82 -13.72 10.07
N ASP A 237 5.03 -14.71 9.67
CA ASP A 237 5.24 -16.08 10.05
C ASP A 237 6.34 -16.68 9.21
N GLY A 238 6.01 -16.82 7.94
CA GLY A 238 6.95 -17.43 7.04
C GLY A 238 6.66 -17.12 5.61
N ASN A 239 7.77 -17.09 4.90
CA ASN A 239 7.88 -16.91 3.47
C ASN A 239 6.77 -16.14 2.73
N GLY A 240 6.56 -14.91 3.22
CA GLY A 240 5.59 -14.00 2.63
C GLY A 240 4.17 -13.97 3.16
N THR A 241 3.86 -14.90 4.05
CA THR A 241 2.55 -14.98 4.64
C THR A 241 2.65 -14.46 6.06
N TYR A 242 1.55 -14.51 6.80
CA TYR A 242 1.57 -14.03 8.17
C TYR A 242 1.04 -15.07 9.15
N GLN A 243 1.12 -14.74 10.43
CA GLN A 243 0.68 -15.61 11.51
C GLN A 243 0.23 -14.78 12.70
N THR A 244 -0.63 -15.36 13.52
CA THR A 244 -1.11 -14.69 14.73
C THR A 244 -1.89 -15.73 15.52
N TRP A 245 -2.43 -15.31 16.66
CA TRP A 245 -3.19 -16.23 17.51
C TRP A 245 -3.95 -15.45 18.55
N VAL A 246 -4.88 -16.12 19.23
CA VAL A 246 -5.66 -15.53 20.30
C VAL A 246 -5.79 -16.69 21.28
N ALA A 247 -5.91 -16.38 22.57
CA ALA A 247 -6.02 -17.43 23.58
C ALA A 247 -6.86 -16.97 24.78
N THR A 248 -7.39 -17.93 25.53
CA THR A 248 -8.21 -17.60 26.69
C THR A 248 -8.27 -18.87 27.58
N ARG A 249 -8.45 -18.70 28.89
CA ARG A 249 -8.50 -19.84 29.83
C ARG A 249 -9.91 -20.29 30.16
N ILE A 250 -10.14 -21.61 30.14
CA ILE A 250 -11.47 -22.14 30.42
C ILE A 250 -11.46 -23.20 31.52
N ARG A 251 -12.65 -23.53 32.02
CA ARG A 251 -12.79 -24.54 33.08
C ARG A 251 -12.82 -25.94 32.45
N GLN A 252 -12.01 -26.85 32.99
CA GLN A 252 -11.89 -28.24 32.49
C GLN A 252 -13.19 -28.99 32.37
N GLY A 253 -13.58 -29.37 31.15
CA GLY A 253 -14.84 -30.10 30.99
C GLY A 253 -15.91 -29.46 30.13
N GLU A 254 -15.73 -28.18 29.81
CA GLU A 254 -16.70 -27.44 29.01
C GLU A 254 -16.06 -26.93 27.73
N GLU A 255 -15.35 -27.81 27.05
CA GLU A 255 -14.68 -27.47 25.80
C GLU A 255 -15.71 -27.18 24.72
N GLN A 256 -16.79 -27.97 24.70
CA GLN A 256 -17.85 -27.82 23.71
C GLN A 256 -18.40 -26.41 23.59
N ARG A 257 -18.40 -25.67 24.68
CA ARG A 257 -18.91 -24.30 24.66
C ARG A 257 -18.03 -23.34 23.86
N PHE A 258 -16.73 -23.62 23.80
CA PHE A 258 -15.82 -22.72 23.08
C PHE A 258 -15.50 -23.04 21.64
N THR A 259 -15.43 -21.98 20.87
CA THR A 259 -15.14 -22.03 19.45
C THR A 259 -14.33 -20.80 19.08
N CYS A 260 -13.48 -20.95 18.06
CA CYS A 260 -12.67 -19.84 17.57
C CYS A 260 -13.27 -19.34 16.28
N TYR A 261 -13.71 -18.09 16.29
CA TYR A 261 -14.34 -17.49 15.13
C TYR A 261 -13.31 -16.69 14.37
N MET A 262 -13.14 -17.01 13.09
CA MET A 262 -12.17 -16.32 12.26
C MET A 262 -12.74 -15.71 11.00
N GLU A 263 -12.15 -14.61 10.58
CA GLU A 263 -12.60 -13.94 9.37
C GLU A 263 -11.37 -13.47 8.59
N HIS A 264 -11.23 -13.99 7.36
CA HIS A 264 -10.09 -13.64 6.52
C HIS A 264 -10.50 -13.50 5.07
N SER A 265 -10.31 -12.34 4.51
CA SER A 265 -10.66 -12.09 3.13
C SER A 265 -12.12 -12.38 2.78
N GLY A 266 -13.03 -11.89 3.61
CA GLY A 266 -14.45 -12.09 3.38
C GLY A 266 -14.94 -13.47 3.73
N ASN A 267 -14.01 -14.33 4.17
CA ASN A 267 -14.40 -15.68 4.51
C ASN A 267 -14.46 -15.90 5.99
N HIS A 268 -15.64 -16.26 6.49
CA HIS A 268 -15.84 -16.52 7.92
C HIS A 268 -15.80 -18.02 8.18
N GLY A 269 -15.07 -18.43 9.21
CA GLY A 269 -14.96 -19.85 9.50
C GLY A 269 -15.04 -20.07 10.99
N THR A 270 -15.46 -21.25 11.39
CA THR A 270 -15.58 -21.57 12.81
C THR A 270 -14.72 -22.78 13.14
N HIS A 271 -14.00 -22.70 14.26
CA HIS A 271 -13.12 -23.78 14.68
C HIS A 271 -13.34 -24.16 16.13
N PRO A 272 -13.61 -25.44 16.39
CA PRO A 272 -13.86 -25.95 17.73
C PRO A 272 -12.60 -26.35 18.48
N VAL A 273 -12.77 -26.58 19.77
CA VAL A 273 -11.69 -26.99 20.66
C VAL A 273 -11.55 -28.51 20.56
N PRO A 274 -10.31 -28.97 20.33
CA PRO A 274 -9.88 -30.37 20.18
C PRO A 274 -10.39 -31.38 21.19
N SER A 275 -10.49 -32.63 20.72
CA SER A 275 -10.89 -33.78 21.50
C SER A 275 -9.78 -34.84 21.38
S SO4 B . 11.52 11.01 -23.80
O1 SO4 B . 12.81 10.90 -24.50
O2 SO4 B . 10.45 11.30 -24.75
O3 SO4 B . 11.25 9.73 -23.12
O4 SO4 B . 11.57 12.08 -22.81
S SO4 C . 18.15 23.43 6.75
O1 SO4 C . 19.62 23.54 6.69
O2 SO4 C . 17.64 23.01 5.43
O3 SO4 C . 17.77 22.47 7.79
O4 SO4 C . 17.57 24.75 7.09
S SO4 D . 18.67 21.56 -18.01
O1 SO4 D . 19.84 22.33 -18.49
O2 SO4 D . 17.50 21.83 -18.85
O3 SO4 D . 19.00 20.13 -18.08
O4 SO4 D . 18.37 21.96 -16.63
S SO4 E . -13.73 -1.10 -15.69
O1 SO4 E . -12.56 -0.52 -14.99
O2 SO4 E . -13.81 -2.54 -15.36
O3 SO4 E . -14.96 -0.41 -15.25
O4 SO4 E . -13.58 -0.94 -17.15
#